data_6U8Z
#
_entry.id   6U8Z
#
_cell.length_a   75.209
_cell.length_b   75.209
_cell.length_c   239.650
_cell.angle_alpha   90.000
_cell.angle_beta   90.000
_cell.angle_gamma   90.000
#
_symmetry.space_group_name_H-M   'P 41 21 2'
#
loop_
_entity.id
_entity.type
_entity.pdbx_description
1 polymer 'Phospholipase D1,Phospholipase D1'
2 non-polymer 'PHOSPHITE ION'
3 water water
#
_entity_poly.entity_id   1
_entity_poly.type   'polypeptide(L)'
_entity_poly.pdbx_seq_one_letter_code
;HGTNFLKDHRFGSYAAIQENALAKWYVNAKGYFEDVANAMEEANEEIFITDWWLSPEIFLKRPVVEGNRWRLDCILKRKA
QQGVRIFIMLYKEVELALGINSEYTKRTLMRLHPNIKVMRHPDHVSSTVYLWAHHEKLVIIDQSVAFVGGIDLAYGRWDD
NEHRLTDVGSVFWHGKDYCNFVFKDWVQLDKPFADFIDRYSTPRMPWHDIASAVHGKAARDVARHFIQRWNFTKIMKSKY
RSLSYPFLLPKSQTTAHELRYQVPGSVHANVQLLRSAADWSAGIKYHEESIHAAYVHVIENSRHYIYIENQFFISCADDK
VVFNKIGDAIAQRILKAHRENQKYRVYVVIPLLPGFEGDISTGGGNALQAIMHFNYRTMCRGENSILGQLKAELGNQWIN
YISFCGLRTHAELEGNLVTELIYVHSKLLIADDNTVIIGSANINDRSMLGKRDSEMAVIVQDTETVPSVMDGKEYQAGRF
ARGLRLQCFRVVLGYLDDPSEDIQDPVSDKFFKEVWVSTAARNATIYDKVFRCLPNDEVHNLIQLRDFINKPVLAKEDPI
RAEEELKKIRGFLVQFPFYFLSEESLLPSVGTKEAIVPMEVWT
;
_entity_poly.pdbx_strand_id   A
#
# COMPACT_ATOMS: atom_id res chain seq x y z
N LYS A 7 21.43 -8.05 19.31
CA LYS A 7 21.26 -6.94 20.24
C LYS A 7 19.78 -6.58 20.39
N ASP A 8 19.47 -5.87 21.49
CA ASP A 8 18.14 -5.34 21.76
C ASP A 8 17.96 -4.04 20.99
N HIS A 9 16.97 -3.99 20.11
CA HIS A 9 16.73 -2.81 19.31
C HIS A 9 15.35 -2.25 19.62
N ARG A 10 15.14 -0.99 19.26
CA ARG A 10 13.82 -0.40 19.40
C ARG A 10 12.74 -1.26 18.77
N PHE A 11 11.59 -1.34 19.42
CA PHE A 11 10.44 -2.08 18.95
C PHE A 11 10.71 -3.57 18.82
N GLY A 12 11.82 -4.04 19.38
CA GLY A 12 12.22 -5.43 19.18
C GLY A 12 12.50 -5.80 17.73
N SER A 13 12.85 -4.82 16.90
CA SER A 13 13.22 -5.11 15.53
C SER A 13 14.53 -5.91 15.49
N TYR A 14 14.72 -6.62 14.37
CA TYR A 14 15.99 -7.25 14.05
C TYR A 14 17.05 -6.25 13.61
N ALA A 15 16.68 -5.00 13.34
CA ALA A 15 17.58 -3.98 12.80
C ALA A 15 17.67 -2.78 13.75
N ALA A 16 18.84 -2.12 13.79
CA ALA A 16 19.02 -0.94 14.62
C ALA A 16 18.54 0.32 13.93
N ILE A 17 18.35 1.37 14.73
CA ILE A 17 18.11 2.70 14.17
C ILE A 17 19.37 3.18 13.47
N GLN A 18 19.22 3.54 12.22
CA GLN A 18 20.32 4.08 11.41
C GLN A 18 20.13 5.58 11.33
N GLU A 19 20.97 6.32 12.04
CA GLU A 19 20.85 7.77 12.07
C GLU A 19 21.39 8.42 10.80
N ASN A 20 20.71 9.46 10.33
CA ASN A 20 21.20 10.23 9.18
C ASN A 20 21.32 9.37 7.95
N ALA A 21 20.42 8.39 7.80
CA ALA A 21 20.35 7.58 6.59
C ALA A 21 19.72 8.39 5.48
N LEU A 22 20.07 8.11 4.24
CA LEU A 22 19.46 8.74 3.06
C LEU A 22 18.26 7.94 2.57
N ALA A 23 17.09 8.61 2.48
CA ALA A 23 15.82 7.94 2.26
C ALA A 23 14.95 8.74 1.25
N LYS A 24 14.12 8.01 0.50
CA LYS A 24 13.24 8.55 -0.49
C LYS A 24 11.86 7.96 -0.31
N TRP A 25 10.79 8.77 -0.66
CA TRP A 25 9.45 8.21 -0.69
C TRP A 25 8.89 8.29 -2.10
N TYR A 26 7.86 7.47 -2.39
CA TYR A 26 7.22 7.43 -3.70
C TYR A 26 5.70 7.41 -3.51
N VAL A 27 5.00 8.26 -4.21
CA VAL A 27 3.55 8.20 -4.34
C VAL A 27 3.27 7.68 -5.74
N ASN A 28 2.72 6.48 -5.77
CA ASN A 28 2.48 5.68 -6.99
C ASN A 28 3.72 5.14 -7.66
N ALA A 29 3.54 4.26 -8.63
CA ALA A 29 4.63 3.39 -9.05
C ALA A 29 5.49 3.99 -10.12
N LYS A 30 4.99 4.99 -10.85
CA LYS A 30 5.74 5.56 -11.95
C LYS A 30 7.17 5.91 -11.56
N GLY A 31 7.38 6.71 -10.48
CA GLY A 31 8.75 7.09 -10.09
C GLY A 31 9.54 5.93 -9.51
N TYR A 32 8.86 5.10 -8.71
CA TYR A 32 9.42 3.91 -8.11
C TYR A 32 10.03 3.02 -9.19
N PHE A 33 9.25 2.69 -10.25
CA PHE A 33 9.75 1.73 -11.23
C PHE A 33 10.88 2.36 -12.04
N GLU A 34 10.79 3.66 -12.29
CA GLU A 34 11.90 4.32 -13.00
C GLU A 34 13.20 4.27 -12.20
N ASP A 35 13.14 4.56 -10.90
CA ASP A 35 14.35 4.55 -10.09
C ASP A 35 14.89 3.11 -9.89
N VAL A 36 13.99 2.13 -9.70
CA VAL A 36 14.42 0.72 -9.63
C VAL A 36 15.18 0.33 -10.88
N ALA A 37 14.64 0.71 -12.05
CA ALA A 37 15.31 0.41 -13.32
C ALA A 37 16.70 1.04 -13.38
N ASN A 38 16.83 2.31 -12.96
CA ASN A 38 18.14 2.97 -13.03
C ASN A 38 19.12 2.39 -12.00
N ALA A 39 18.61 2.00 -10.82
CA ALA A 39 19.48 1.37 -9.80
C ALA A 39 20.00 0.02 -10.32
N MET A 40 19.11 -0.79 -10.92
CA MET A 40 19.52 -2.09 -11.45
C MET A 40 20.53 -1.92 -12.57
N GLU A 41 20.29 -0.98 -13.48
CA GLU A 41 21.23 -0.68 -14.54
C GLU A 41 22.64 -0.41 -14.07
N GLU A 42 22.79 0.12 -12.86
CA GLU A 42 24.12 0.41 -12.32
C GLU A 42 24.69 -0.72 -11.44
N ALA A 43 23.98 -1.84 -11.24
CA ALA A 43 24.45 -2.90 -10.35
C ALA A 43 25.76 -3.49 -10.85
N ASN A 44 26.59 -3.90 -9.92
CA ASN A 44 27.83 -4.54 -10.27
C ASN A 44 28.03 -5.91 -9.67
N GLU A 45 27.28 -6.30 -8.66
CA GLU A 45 27.55 -7.52 -7.92
C GLU A 45 26.29 -8.37 -7.76
N GLU A 46 25.19 -7.78 -7.30
CA GLU A 46 24.08 -8.52 -6.71
C GLU A 46 22.79 -7.72 -6.92
N ILE A 47 21.75 -8.39 -7.40
CA ILE A 47 20.38 -7.88 -7.29
C ILE A 47 19.55 -8.92 -6.53
N PHE A 48 18.88 -8.49 -5.44
CA PHE A 48 17.95 -9.32 -4.67
C PHE A 48 16.54 -8.80 -4.88
N ILE A 49 15.57 -9.69 -5.17
CA ILE A 49 14.16 -9.28 -5.40
C ILE A 49 13.25 -10.20 -4.62
N THR A 50 12.29 -9.64 -3.89
CA THR A 50 11.21 -10.45 -3.35
C THR A 50 9.89 -9.94 -3.89
N ASP A 51 8.95 -10.84 -4.12
CA ASP A 51 7.62 -10.43 -4.61
C ASP A 51 6.60 -11.48 -4.20
N TRP A 52 5.38 -10.97 -3.92
CA TRP A 52 4.19 -11.78 -3.81
C TRP A 52 3.75 -12.27 -5.18
N TRP A 53 3.93 -11.43 -6.19
CA TRP A 53 3.65 -11.72 -7.58
C TRP A 53 4.69 -10.96 -8.39
N LEU A 54 5.37 -11.60 -9.36
CA LEU A 54 6.29 -10.94 -10.28
C LEU A 54 5.87 -11.27 -11.70
N SER A 55 5.76 -10.26 -12.58
CA SER A 55 5.33 -10.43 -13.99
C SER A 55 6.51 -10.01 -14.86
N PRO A 56 7.24 -10.91 -15.48
CA PRO A 56 8.56 -10.52 -16.02
C PRO A 56 8.53 -9.51 -17.16
N GLU A 57 7.43 -9.40 -17.87
CA GLU A 57 7.42 -8.60 -19.07
C GLU A 57 6.90 -7.16 -18.86
N ILE A 58 6.74 -6.70 -17.62
CA ILE A 58 6.25 -5.31 -17.41
C ILE A 58 7.36 -4.33 -17.78
N PHE A 59 6.95 -3.13 -18.21
CA PHE A 59 7.90 -2.10 -18.58
C PHE A 59 8.10 -1.19 -17.40
N LEU A 60 9.37 -0.86 -17.10
CA LEU A 60 9.66 -0.02 -15.94
C LEU A 60 9.73 1.48 -16.25
N LYS A 61 9.79 1.86 -17.52
CA LYS A 61 9.74 3.22 -17.96
C LYS A 61 8.69 3.31 -19.05
N ARG A 62 7.78 4.29 -18.94
CA ARG A 62 6.73 4.42 -19.95
C ARG A 62 6.49 5.91 -20.20
N PRO A 63 6.06 6.29 -21.40
CA PRO A 63 5.78 5.47 -22.57
C PRO A 63 7.01 4.76 -23.08
N VAL A 64 6.84 3.73 -23.88
CA VAL A 64 7.99 2.88 -24.16
C VAL A 64 8.80 3.53 -25.27
N VAL A 65 10.07 3.74 -25.01
CA VAL A 65 11.01 4.03 -26.08
C VAL A 65 12.32 3.29 -25.80
N GLU A 66 13.19 3.27 -26.78
CA GLU A 66 14.34 2.39 -26.67
C GLU A 66 13.92 0.91 -26.68
N GLY A 67 12.74 0.62 -27.25
CA GLY A 67 12.34 -0.76 -27.52
C GLY A 67 12.11 -1.55 -26.25
N ASN A 68 12.80 -2.68 -26.08
CA ASN A 68 12.61 -3.45 -24.85
C ASN A 68 13.69 -3.16 -23.80
N ARG A 69 14.44 -2.07 -23.98
N ARG A 69 14.44 -2.07 -23.98
CA ARG A 69 15.54 -1.80 -23.05
CA ARG A 69 15.55 -1.79 -23.07
C ARG A 69 15.10 -1.79 -21.60
C ARG A 69 15.11 -1.77 -21.61
N TRP A 70 13.94 -1.20 -21.31
CA TRP A 70 13.48 -1.10 -19.92
C TRP A 70 12.39 -2.10 -19.59
N ARG A 71 12.24 -3.17 -20.37
CA ARG A 71 11.35 -4.24 -19.94
C ARG A 71 12.08 -5.09 -18.87
N LEU A 72 11.35 -5.45 -17.82
CA LEU A 72 11.98 -6.04 -16.64
C LEU A 72 12.88 -7.23 -16.98
N ASP A 73 12.36 -8.19 -17.76
CA ASP A 73 13.15 -9.37 -18.08
C ASP A 73 14.43 -9.01 -18.83
N CYS A 74 14.35 -8.01 -19.72
CA CYS A 74 15.53 -7.62 -20.50
C CYS A 74 16.57 -6.90 -19.64
N ILE A 75 16.12 -6.06 -18.68
CA ILE A 75 17.07 -5.49 -17.73
C ILE A 75 17.82 -6.60 -16.99
N LEU A 76 17.09 -7.53 -16.39
CA LEU A 76 17.74 -8.59 -15.59
C LEU A 76 18.71 -9.41 -16.43
N LYS A 77 18.33 -9.67 -17.69
CA LYS A 77 19.13 -10.53 -18.52
C LYS A 77 20.42 -9.83 -18.89
N ARG A 78 20.36 -8.52 -19.16
CA ARG A 78 21.61 -7.90 -19.58
C ARG A 78 22.54 -7.69 -18.40
N LYS A 79 21.99 -7.42 -17.21
CA LYS A 79 22.83 -7.39 -16.04
C LYS A 79 23.39 -8.76 -15.73
N ALA A 80 22.61 -9.84 -15.88
CA ALA A 80 23.20 -11.15 -15.60
C ALA A 80 24.36 -11.42 -16.56
N GLN A 81 24.17 -11.00 -17.81
CA GLN A 81 25.19 -11.20 -18.84
C GLN A 81 26.49 -10.48 -18.50
N GLN A 82 26.41 -9.34 -17.80
CA GLN A 82 27.59 -8.62 -17.31
C GLN A 82 28.20 -9.25 -16.10
N GLY A 83 27.58 -10.27 -15.51
CA GLY A 83 28.18 -10.94 -14.38
C GLY A 83 27.51 -10.67 -13.04
N VAL A 84 26.42 -9.90 -13.04
CA VAL A 84 25.69 -9.60 -11.81
C VAL A 84 24.91 -10.85 -11.42
N ARG A 85 24.99 -11.26 -10.15
CA ARG A 85 24.25 -12.43 -9.68
C ARG A 85 22.89 -11.92 -9.19
N ILE A 86 21.81 -12.54 -9.66
CA ILE A 86 20.45 -12.09 -9.40
C ILE A 86 19.71 -13.19 -8.65
N PHE A 87 19.16 -12.83 -7.52
CA PHE A 87 18.49 -13.75 -6.62
C PHE A 87 17.06 -13.29 -6.41
N ILE A 88 16.11 -14.18 -6.69
CA ILE A 88 14.68 -13.84 -6.60
C ILE A 88 13.93 -14.86 -5.76
N MET A 89 13.15 -14.36 -4.79
CA MET A 89 12.27 -15.16 -3.96
C MET A 89 10.79 -14.79 -4.15
N LEU A 90 10.04 -15.77 -4.61
CA LEU A 90 8.65 -15.65 -4.96
C LEU A 90 7.76 -16.39 -3.98
N TYR A 91 6.58 -15.83 -3.73
CA TYR A 91 5.56 -16.54 -3.01
C TYR A 91 5.01 -17.69 -3.87
N LYS A 92 4.92 -18.90 -3.28
CA LYS A 92 4.36 -20.09 -3.92
C LYS A 92 2.87 -20.22 -3.59
N GLU A 93 2.01 -19.83 -4.54
CA GLU A 93 0.58 -19.86 -4.31
C GLU A 93 0.04 -21.29 -4.26
N VAL A 94 -1.08 -21.47 -3.56
CA VAL A 94 -1.81 -22.74 -3.54
C VAL A 94 -1.95 -23.34 -4.94
N GLU A 95 -1.96 -24.68 -5.05
CA GLU A 95 -2.16 -25.29 -6.36
C GLU A 95 -3.50 -24.88 -6.98
N LEU A 96 -4.52 -24.67 -6.14
CA LEU A 96 -5.88 -24.36 -6.57
C LEU A 96 -6.08 -22.88 -6.91
N ALA A 97 -5.02 -22.05 -6.92
CA ALA A 97 -5.19 -20.62 -7.17
C ALA A 97 -5.04 -20.31 -8.66
N LEU A 98 -5.90 -19.41 -9.16
CA LEU A 98 -5.84 -18.99 -10.56
C LEU A 98 -4.74 -17.94 -10.76
N GLY A 99 -4.67 -17.01 -9.84
CA GLY A 99 -3.43 -16.52 -9.35
C GLY A 99 -2.25 -15.92 -10.14
N ILE A 100 -1.10 -16.17 -9.52
CA ILE A 100 0.20 -15.50 -9.60
C ILE A 100 1.16 -16.20 -10.53
N ASN A 101 0.85 -17.44 -10.90
CA ASN A 101 1.62 -18.21 -11.84
C ASN A 101 3.12 -18.23 -11.52
N SER A 102 3.47 -18.52 -10.24
CA SER A 102 4.88 -18.44 -9.87
C SER A 102 5.71 -19.51 -10.54
N GLU A 103 5.12 -20.67 -10.86
CA GLU A 103 5.91 -21.74 -11.47
C GLU A 103 6.35 -21.34 -12.88
N TYR A 104 5.46 -20.72 -13.62
CA TYR A 104 5.78 -20.28 -14.97
C TYR A 104 6.81 -19.16 -14.93
N THR A 105 6.66 -18.26 -13.99
CA THR A 105 7.51 -17.10 -13.85
C THR A 105 8.90 -17.51 -13.45
N LYS A 106 9.01 -18.51 -12.58
CA LYS A 106 10.32 -19.02 -12.22
C LYS A 106 11.03 -19.56 -13.46
N ARG A 107 10.32 -20.32 -14.29
CA ARG A 107 11.01 -20.96 -15.40
C ARG A 107 11.44 -19.93 -16.43
N THR A 108 10.54 -18.98 -16.72
CA THR A 108 10.86 -17.84 -17.57
C THR A 108 12.12 -17.16 -17.07
N LEU A 109 12.18 -16.84 -15.78
CA LEU A 109 13.30 -16.06 -15.29
C LEU A 109 14.60 -16.83 -15.40
N MET A 110 14.60 -18.07 -14.91
N MET A 110 14.59 -18.10 -14.96
CA MET A 110 15.84 -18.83 -14.88
CA MET A 110 15.84 -18.83 -14.90
C MET A 110 16.32 -19.17 -16.28
C MET A 110 16.32 -19.18 -16.29
N ARG A 111 15.44 -19.11 -17.29
CA ARG A 111 15.84 -19.39 -18.66
C ARG A 111 16.50 -18.19 -19.32
N LEU A 112 16.41 -17.01 -18.71
CA LEU A 112 17.06 -15.83 -19.27
C LEU A 112 18.58 -15.92 -19.21
N HIS A 113 19.15 -16.37 -18.06
CA HIS A 113 20.60 -16.49 -17.90
C HIS A 113 20.93 -17.30 -16.65
N PRO A 114 22.07 -18.04 -16.61
CA PRO A 114 22.35 -18.88 -15.42
C PRO A 114 22.70 -18.13 -14.18
N ASN A 115 22.99 -16.83 -14.27
CA ASN A 115 23.28 -16.06 -13.08
C ASN A 115 22.00 -15.70 -12.32
N ILE A 116 20.83 -16.01 -12.90
CA ILE A 116 19.53 -15.70 -12.27
C ILE A 116 19.01 -16.92 -11.53
N LYS A 117 18.81 -16.80 -10.20
CA LYS A 117 18.39 -17.95 -9.40
C LYS A 117 17.09 -17.57 -8.67
N VAL A 118 16.09 -18.45 -8.74
CA VAL A 118 14.75 -18.15 -8.19
C VAL A 118 14.36 -19.25 -7.22
N MET A 119 13.86 -18.88 -6.06
CA MET A 119 13.19 -19.79 -5.15
C MET A 119 11.70 -19.50 -5.05
N ARG A 120 10.91 -20.54 -4.72
CA ARG A 120 9.49 -20.40 -4.36
C ARG A 120 9.26 -21.04 -2.99
N HIS A 121 8.40 -20.48 -2.15
CA HIS A 121 8.17 -20.91 -0.76
C HIS A 121 6.86 -20.25 -0.35
N PRO A 122 6.00 -20.88 0.47
CA PRO A 122 6.20 -22.23 1.01
C PRO A 122 5.67 -23.42 0.17
N ASP A 123 6.11 -24.64 0.44
CA ASP A 123 5.52 -25.83 -0.17
C ASP A 123 4.23 -26.21 0.55
N HIS A 124 3.29 -26.81 -0.17
CA HIS A 124 1.99 -27.12 0.45
C HIS A 124 1.64 -28.60 0.64
N VAL A 125 2.41 -29.51 0.09
CA VAL A 125 2.15 -30.94 0.26
C VAL A 125 2.22 -31.32 1.75
N LEU A 131 -1.97 -22.41 4.90
CA LEU A 131 -0.68 -21.78 5.28
C LEU A 131 -0.68 -20.30 4.90
N TRP A 132 0.29 -19.52 5.40
CA TRP A 132 0.36 -18.07 5.20
C TRP A 132 1.25 -17.75 3.98
N ALA A 133 1.63 -16.48 3.77
CA ALA A 133 2.34 -16.09 2.55
C ALA A 133 3.49 -15.14 2.84
N HIS A 134 4.39 -15.02 1.85
CA HIS A 134 5.47 -14.06 1.83
C HIS A 134 5.00 -12.81 1.09
N HIS A 135 4.89 -11.72 1.81
CA HIS A 135 4.16 -10.58 1.24
C HIS A 135 5.07 -9.38 1.04
N GLU A 136 6.33 -9.43 1.43
CA GLU A 136 7.14 -8.25 1.35
C GLU A 136 7.53 -8.01 -0.09
N LYS A 137 7.71 -6.73 -0.46
CA LYS A 137 8.07 -6.37 -1.83
C LYS A 137 9.35 -5.57 -1.76
N LEU A 138 10.48 -6.19 -2.15
CA LEU A 138 11.79 -5.61 -1.96
C LEU A 138 12.64 -5.71 -3.23
N VAL A 139 13.52 -4.72 -3.42
CA VAL A 139 14.58 -4.75 -4.42
C VAL A 139 15.82 -4.22 -3.75
N ILE A 140 16.92 -5.02 -3.75
CA ILE A 140 18.14 -4.56 -3.13
C ILE A 140 19.29 -4.70 -4.14
N ILE A 141 20.04 -3.62 -4.36
CA ILE A 141 21.14 -3.61 -5.34
C ILE A 141 22.46 -3.46 -4.61
N ASP A 142 23.35 -4.43 -4.84
CA ASP A 142 24.70 -4.42 -4.28
C ASP A 142 24.70 -4.22 -2.78
N GLN A 143 23.65 -4.70 -2.11
CA GLN A 143 23.45 -4.52 -0.66
C GLN A 143 23.67 -3.06 -0.25
N SER A 144 23.31 -2.14 -1.15
CA SER A 144 23.69 -0.74 -0.86
C SER A 144 22.52 0.22 -1.11
N VAL A 145 21.66 -0.10 -2.07
CA VAL A 145 20.39 0.66 -2.25
C VAL A 145 19.24 -0.34 -2.14
N ALA A 146 18.24 -0.05 -1.33
CA ALA A 146 17.12 -0.97 -1.16
C ALA A 146 15.81 -0.22 -1.28
N PHE A 147 14.84 -0.87 -1.93
CA PHE A 147 13.48 -0.36 -2.10
C PHE A 147 12.56 -1.26 -1.29
N VAL A 148 11.66 -0.61 -0.49
CA VAL A 148 10.72 -1.25 0.41
C VAL A 148 9.35 -0.59 0.17
N GLY A 149 8.31 -1.35 -0.13
CA GLY A 149 7.03 -0.64 -0.31
C GLY A 149 5.86 -1.60 -0.40
N GLY A 150 4.75 -1.11 -1.03
CA GLY A 150 3.63 -2.01 -1.24
C GLY A 150 3.49 -2.46 -2.66
N ILE A 151 4.42 -2.08 -3.49
CA ILE A 151 4.31 -2.25 -4.93
C ILE A 151 5.12 -3.47 -5.41
N ASP A 152 4.43 -4.48 -5.91
CA ASP A 152 5.10 -5.62 -6.59
C ASP A 152 5.49 -5.22 -8.00
N LEU A 153 6.47 -5.94 -8.56
CA LEU A 153 6.85 -5.87 -9.96
C LEU A 153 5.93 -6.75 -10.76
N ALA A 154 4.65 -6.31 -10.89
CA ALA A 154 3.59 -7.16 -11.36
C ALA A 154 2.60 -6.37 -12.19
N TYR A 155 1.86 -7.09 -13.01
CA TYR A 155 0.77 -6.49 -13.76
C TYR A 155 -0.18 -5.70 -12.88
N GLY A 156 -0.61 -4.56 -13.44
CA GLY A 156 -1.64 -3.75 -12.84
C GLY A 156 -1.11 -2.71 -11.89
N ARG A 157 0.18 -2.76 -11.53
CA ARG A 157 0.69 -1.90 -10.48
C ARG A 157 1.10 -0.54 -10.98
N TRP A 158 1.63 -0.48 -12.19
CA TRP A 158 2.12 0.81 -12.69
C TRP A 158 0.99 1.82 -12.75
N ASP A 159 1.26 3.01 -12.25
CA ASP A 159 0.33 4.14 -12.35
C ASP A 159 1.08 5.42 -12.08
N ASP A 160 0.44 6.51 -12.41
CA ASP A 160 0.97 7.83 -12.15
C ASP A 160 -0.18 8.58 -11.44
N ASN A 161 0.02 9.84 -11.15
CA ASN A 161 -0.87 10.57 -10.25
C ASN A 161 -2.16 10.98 -10.92
N GLU A 162 -2.33 10.68 -12.21
CA GLU A 162 -3.59 10.94 -12.88
C GLU A 162 -4.60 9.81 -12.75
N HIS A 163 -4.12 8.61 -12.41
CA HIS A 163 -4.98 7.46 -12.20
C HIS A 163 -5.99 7.31 -13.34
N ARG A 164 -5.47 7.13 -14.56
CA ARG A 164 -6.31 7.17 -15.75
C ARG A 164 -7.14 5.89 -15.85
N LEU A 165 -8.40 6.03 -16.27
CA LEU A 165 -9.22 4.84 -16.49
C LEU A 165 -9.04 4.26 -17.88
N THR A 166 -8.53 5.01 -18.83
CA THR A 166 -8.51 4.54 -20.20
C THR A 166 -7.09 4.56 -20.77
N ASP A 167 -6.91 3.76 -21.80
CA ASP A 167 -5.65 3.66 -22.54
C ASP A 167 -5.90 3.04 -23.90
N VAL A 168 -6.78 3.63 -24.74
CA VAL A 168 -7.13 2.89 -25.97
C VAL A 168 -6.01 2.83 -27.02
N GLY A 169 -4.99 3.70 -26.95
CA GLY A 169 -3.82 3.45 -27.82
C GLY A 169 -2.81 2.41 -27.29
N SER A 170 -3.04 1.95 -26.07
CA SER A 170 -2.08 1.03 -25.46
C SER A 170 -0.73 1.73 -25.28
N VAL A 171 -0.75 2.96 -24.80
CA VAL A 171 0.46 3.75 -24.61
C VAL A 171 1.12 3.42 -23.28
N PHE A 172 0.33 3.11 -22.25
CA PHE A 172 0.85 2.93 -20.91
C PHE A 172 0.69 1.53 -20.35
N TRP A 173 -0.35 0.81 -20.73
CA TRP A 173 -0.59 -0.51 -20.18
C TRP A 173 -0.71 -1.46 -21.36
N HIS A 174 0.41 -2.01 -21.83
CA HIS A 174 0.40 -2.97 -22.91
C HIS A 174 -0.21 -4.31 -22.44
N GLY A 175 -1.06 -4.89 -23.29
CA GLY A 175 -1.61 -6.20 -23.03
C GLY A 175 -2.11 -6.43 -21.60
N LYS A 176 -1.52 -7.44 -20.97
CA LYS A 176 -2.02 -7.95 -19.70
C LYS A 176 -1.82 -6.99 -18.52
N ASP A 177 -1.10 -5.88 -18.76
CA ASP A 177 -0.85 -4.87 -17.72
C ASP A 177 -2.11 -4.03 -17.47
N TYR A 178 -3.04 -3.97 -18.44
CA TYR A 178 -4.38 -3.33 -18.36
C TYR A 178 -5.28 -4.28 -17.59
N CYS A 179 -5.52 -3.98 -16.33
CA CYS A 179 -6.20 -4.89 -15.42
C CYS A 179 -7.34 -4.15 -14.74
N ASN A 180 -8.28 -4.93 -14.21
CA ASN A 180 -9.33 -4.41 -13.34
C ASN A 180 -9.72 -5.55 -12.41
N PHE A 181 -9.32 -5.46 -11.15
CA PHE A 181 -9.58 -6.51 -10.16
C PHE A 181 -10.77 -6.21 -9.22
N VAL A 182 -11.61 -5.27 -9.60
CA VAL A 182 -12.79 -4.93 -8.83
C VAL A 182 -13.89 -5.95 -9.05
N PHE A 183 -14.45 -6.44 -7.95
CA PHE A 183 -15.59 -7.34 -8.00
C PHE A 183 -16.85 -6.76 -8.67
N LYS A 184 -17.37 -7.50 -9.63
CA LYS A 184 -18.60 -7.14 -10.37
C LYS A 184 -19.38 -8.41 -10.72
N ASP A 185 -19.81 -9.16 -9.72
CA ASP A 185 -20.62 -10.36 -9.95
C ASP A 185 -21.63 -10.49 -8.82
N TRP A 186 -22.27 -9.39 -8.49
CA TRP A 186 -23.22 -9.38 -7.39
C TRP A 186 -24.35 -10.35 -7.61
N VAL A 187 -24.80 -10.49 -8.86
CA VAL A 187 -25.72 -11.56 -9.24
C VAL A 187 -25.23 -12.87 -8.62
N ILE A 197 -9.79 -9.24 -19.73
CA ILE A 197 -10.79 -8.16 -19.82
C ILE A 197 -10.54 -7.25 -21.02
N ASP A 198 -11.59 -6.68 -21.61
CA ASP A 198 -11.44 -5.96 -22.88
C ASP A 198 -11.48 -4.45 -22.64
N ARG A 199 -10.44 -3.77 -23.11
CA ARG A 199 -10.24 -2.34 -22.90
C ARG A 199 -11.13 -1.45 -23.73
N TYR A 200 -11.96 -2.00 -24.59
CA TYR A 200 -12.93 -1.18 -25.34
C TYR A 200 -14.27 -1.08 -24.64
N SER A 201 -14.60 -2.03 -23.77
CA SER A 201 -15.81 -1.87 -22.99
C SER A 201 -15.52 -1.44 -21.55
N THR A 202 -14.37 -1.84 -21.00
CA THR A 202 -14.17 -1.86 -19.56
C THR A 202 -13.01 -0.98 -19.12
N PRO A 203 -13.20 -0.07 -18.14
CA PRO A 203 -12.08 0.74 -17.68
C PRO A 203 -11.14 -0.10 -16.84
N ARG A 204 -9.88 0.33 -16.82
CA ARG A 204 -8.94 -0.28 -15.88
C ARG A 204 -9.27 0.15 -14.46
N MET A 205 -8.75 -0.57 -13.50
CA MET A 205 -8.74 -0.19 -12.08
C MET A 205 -7.44 0.51 -11.77
N PRO A 206 -7.44 1.80 -11.43
CA PRO A 206 -6.20 2.48 -11.06
C PRO A 206 -5.60 1.95 -9.74
N TRP A 207 -4.30 2.03 -9.68
CA TRP A 207 -3.50 1.38 -8.62
C TRP A 207 -2.82 2.48 -7.83
N HIS A 208 -3.31 2.74 -6.61
CA HIS A 208 -2.77 3.80 -5.77
C HIS A 208 -1.89 3.14 -4.70
N ASP A 209 -0.60 3.53 -4.63
CA ASP A 209 0.30 2.82 -3.70
C ASP A 209 1.48 3.71 -3.33
N ILE A 210 2.32 3.18 -2.43
CA ILE A 210 3.36 3.94 -1.76
C ILE A 210 4.61 3.04 -1.65
N ALA A 211 5.79 3.63 -1.87
CA ALA A 211 7.02 2.90 -1.63
C ALA A 211 8.13 3.84 -1.19
N SER A 212 9.31 3.25 -0.93
CA SER A 212 10.40 3.99 -0.34
C SER A 212 11.73 3.39 -0.80
N ALA A 213 12.80 4.20 -0.69
CA ALA A 213 14.18 3.70 -0.85
C ALA A 213 15.03 4.12 0.32
N VAL A 214 16.01 3.28 0.67
CA VAL A 214 16.99 3.62 1.67
C VAL A 214 18.40 3.20 1.17
N HIS A 215 19.43 3.84 1.71
CA HIS A 215 20.81 3.61 1.25
C HIS A 215 21.67 3.15 2.43
N GLY A 216 22.88 2.65 2.12
CA GLY A 216 23.90 2.49 3.15
C GLY A 216 23.60 1.37 4.14
N LYS A 217 23.79 1.65 5.43
CA LYS A 217 23.60 0.63 6.45
C LYS A 217 22.16 0.18 6.54
N ALA A 218 21.20 1.08 6.24
CA ALA A 218 19.79 0.70 6.25
C ALA A 218 19.49 -0.31 5.14
N ALA A 219 20.11 -0.11 3.97
CA ALA A 219 19.94 -1.02 2.87
C ALA A 219 20.55 -2.38 3.24
N ARG A 220 21.68 -2.35 3.96
CA ARG A 220 22.28 -3.61 4.41
C ARG A 220 21.32 -4.33 5.38
N ASP A 221 20.52 -3.55 6.14
CA ASP A 221 19.52 -4.19 6.99
C ASP A 221 18.47 -4.88 6.13
N VAL A 222 18.01 -4.25 5.06
CA VAL A 222 17.06 -4.96 4.22
C VAL A 222 17.72 -6.26 3.67
N ALA A 223 18.96 -6.16 3.20
CA ALA A 223 19.67 -7.32 2.66
C ALA A 223 19.75 -8.42 3.69
N ARG A 224 19.95 -8.07 4.93
CA ARG A 224 20.10 -9.13 5.94
C ARG A 224 18.83 -9.95 6.07
N HIS A 225 17.64 -9.28 5.92
CA HIS A 225 16.41 -10.01 6.01
C HIS A 225 16.30 -10.94 4.82
N PHE A 226 16.64 -10.42 3.62
CA PHE A 226 16.59 -11.24 2.41
C PHE A 226 17.59 -12.43 2.50
N ILE A 227 18.79 -12.18 3.00
CA ILE A 227 19.80 -13.27 3.12
C ILE A 227 19.32 -14.33 4.10
N GLN A 228 18.76 -13.88 5.25
CA GLN A 228 18.29 -14.84 6.23
C GLN A 228 17.23 -15.75 5.60
N ARG A 229 16.25 -15.15 4.87
CA ARG A 229 15.24 -16.00 4.26
C ARG A 229 15.84 -16.90 3.16
N TRP A 230 16.74 -16.36 2.34
CA TRP A 230 17.35 -17.12 1.25
C TRP A 230 18.07 -18.35 1.81
N ASN A 231 18.92 -18.13 2.81
CA ASN A 231 19.75 -19.27 3.29
C ASN A 231 18.88 -20.28 4.02
N PHE A 232 17.89 -19.76 4.77
CA PHE A 232 16.94 -20.61 5.44
C PHE A 232 16.22 -21.51 4.42
N THR A 233 15.68 -20.90 3.36
CA THR A 233 14.97 -21.69 2.37
C THR A 233 15.90 -22.61 1.62
N LYS A 234 17.12 -22.17 1.31
CA LYS A 234 18.09 -23.08 0.65
C LYS A 234 18.30 -24.36 1.45
N ILE A 235 18.51 -24.26 2.75
CA ILE A 235 18.87 -25.46 3.49
C ILE A 235 17.65 -26.37 3.74
N MET A 236 16.46 -25.84 3.58
N MET A 236 16.45 -25.80 3.57
CA MET A 236 15.22 -26.54 3.89
CA MET A 236 15.17 -26.44 3.84
C MET A 236 14.61 -27.30 2.71
C MET A 236 14.74 -27.38 2.71
N LYS A 237 15.02 -27.00 1.46
CA LYS A 237 14.47 -27.66 0.28
C LYS A 237 15.55 -28.37 -0.52
N SER A 238 15.34 -29.67 -0.80
CA SER A 238 16.25 -30.49 -1.59
C SER A 238 16.73 -29.76 -2.83
N LYS A 239 15.79 -29.15 -3.57
CA LYS A 239 16.13 -28.60 -4.87
C LYS A 239 17.16 -27.49 -4.78
N TYR A 240 17.24 -26.80 -3.63
CA TYR A 240 18.14 -25.70 -3.50
C TYR A 240 19.40 -26.05 -2.76
N ARG A 241 19.61 -27.31 -2.38
CA ARG A 241 20.83 -27.64 -1.66
C ARG A 241 22.07 -27.68 -2.54
N SER A 242 21.92 -27.59 -3.84
CA SER A 242 23.08 -27.70 -4.71
C SER A 242 23.87 -26.39 -4.75
N LEU A 243 25.14 -26.48 -5.12
CA LEU A 243 26.03 -25.31 -5.22
C LEU A 243 25.47 -24.25 -6.16
N SER A 244 24.63 -24.65 -7.07
CA SER A 244 24.07 -23.74 -8.05
C SER A 244 23.28 -22.62 -7.40
N TYR A 245 22.75 -22.83 -6.21
CA TYR A 245 22.05 -21.78 -5.45
C TYR A 245 23.06 -21.27 -4.45
N PRO A 246 23.69 -20.13 -4.68
CA PRO A 246 24.76 -19.69 -3.77
C PRO A 246 24.20 -19.51 -2.35
N PHE A 247 25.04 -19.84 -1.37
CA PHE A 247 24.81 -19.41 0.01
C PHE A 247 25.16 -17.93 0.12
N LEU A 248 24.24 -17.10 0.63
CA LEU A 248 24.50 -15.67 0.59
C LEU A 248 25.16 -15.18 1.86
N LEU A 249 25.95 -14.09 1.73
CA LEU A 249 26.71 -13.50 2.81
C LEU A 249 26.43 -12.00 2.90
N PRO A 250 26.18 -11.49 4.10
CA PRO A 250 25.98 -10.06 4.26
C PRO A 250 27.28 -9.26 4.02
N LYS A 251 27.13 -8.15 3.31
N LYS A 251 27.13 -8.16 3.30
CA LYS A 251 28.23 -7.25 3.09
CA LYS A 251 28.23 -7.24 3.09
C LYS A 251 28.68 -6.70 4.42
C LYS A 251 28.69 -6.72 4.44
N SER A 252 29.99 -6.69 4.65
CA SER A 252 30.52 -6.23 5.93
C SER A 252 30.01 -4.84 6.24
N GLN A 253 29.68 -4.61 7.51
CA GLN A 253 29.23 -3.29 7.97
C GLN A 253 30.33 -2.25 7.88
N THR A 254 31.58 -2.70 7.71
CA THR A 254 32.72 -1.80 7.69
C THR A 254 32.75 -0.92 6.44
N THR A 255 32.26 -1.44 5.32
CA THR A 255 32.32 -0.72 4.05
C THR A 255 31.45 0.52 4.07
N GLU A 258 29.69 1.07 -0.65
CA GLU A 258 28.44 1.54 -1.26
C GLU A 258 28.49 1.41 -2.78
N LEU A 259 27.57 2.09 -3.47
CA LEU A 259 27.32 1.95 -4.90
C LEU A 259 27.20 3.33 -5.54
N ARG A 260 27.69 3.45 -6.77
CA ARG A 260 27.73 4.73 -7.48
C ARG A 260 26.36 5.03 -8.07
N TYR A 261 25.38 5.02 -7.18
CA TYR A 261 24.04 5.47 -7.45
C TYR A 261 23.48 5.91 -6.10
N GLN A 262 22.92 7.11 -6.11
CA GLN A 262 22.12 7.63 -5.03
C GLN A 262 20.82 7.90 -5.70
N VAL A 263 19.71 7.46 -5.11
CA VAL A 263 18.42 7.75 -5.69
C VAL A 263 18.24 9.27 -5.66
N PRO A 264 18.06 9.91 -6.81
CA PRO A 264 17.81 11.38 -6.81
C PRO A 264 16.61 11.75 -5.97
N GLY A 265 16.69 12.90 -5.31
CA GLY A 265 15.57 13.38 -4.50
C GLY A 265 15.58 12.88 -3.05
N SER A 266 16.53 12.03 -2.68
CA SER A 266 16.58 11.53 -1.31
C SER A 266 17.05 12.60 -0.32
N VAL A 267 16.60 12.48 0.95
N VAL A 267 16.63 12.45 0.95
CA VAL A 267 17.09 13.32 2.02
CA VAL A 267 17.07 13.31 2.04
C VAL A 267 17.47 12.47 3.25
C VAL A 267 17.46 12.46 3.25
N HIS A 268 18.22 13.07 4.15
CA HIS A 268 18.72 12.39 5.34
C HIS A 268 17.65 12.40 6.41
N ALA A 269 17.54 11.29 7.13
CA ALA A 269 16.59 11.15 8.22
C ALA A 269 17.02 9.95 9.06
N ASN A 270 16.40 9.79 10.23
CA ASN A 270 16.63 8.57 11.03
C ASN A 270 15.70 7.46 10.55
N VAL A 271 16.26 6.33 10.17
N VAL A 271 16.25 6.29 10.24
CA VAL A 271 15.42 5.27 9.67
CA VAL A 271 15.52 5.23 9.56
C VAL A 271 15.63 4.01 10.51
C VAL A 271 15.72 3.92 10.31
N GLN A 272 14.65 3.12 10.39
CA GLN A 272 14.73 1.82 11.04
C GLN A 272 13.89 0.80 10.29
N LEU A 273 14.50 -0.33 9.96
CA LEU A 273 13.76 -1.39 9.32
C LEU A 273 13.00 -2.17 10.36
N LEU A 274 11.89 -2.73 9.93
CA LEU A 274 10.95 -3.42 10.79
C LEU A 274 10.45 -4.60 9.98
N ARG A 275 10.00 -5.69 10.65
CA ARG A 275 9.41 -6.74 9.84
C ARG A 275 8.37 -7.53 10.61
N SER A 276 7.62 -8.34 9.87
CA SER A 276 6.92 -9.49 10.44
C SER A 276 7.56 -10.78 9.95
N ALA A 277 7.94 -11.65 10.89
CA ALA A 277 8.63 -12.88 10.51
C ALA A 277 8.53 -13.88 11.65
N ALA A 278 8.77 -15.16 11.33
CA ALA A 278 8.57 -16.23 12.28
C ALA A 278 9.35 -17.46 11.80
N ASP A 279 9.28 -18.52 12.59
CA ASP A 279 9.98 -19.76 12.27
C ASP A 279 9.66 -20.22 10.84
N TRP A 280 8.38 -20.19 10.48
CA TRP A 280 7.99 -20.83 9.21
C TRP A 280 8.56 -20.05 8.05
N SER A 281 8.71 -18.73 8.21
CA SER A 281 9.09 -17.88 7.11
C SER A 281 10.56 -17.53 7.07
N ALA A 282 11.24 -17.53 8.19
CA ALA A 282 12.64 -17.13 8.25
C ALA A 282 13.45 -17.99 9.20
N GLY A 283 12.86 -19.02 9.78
CA GLY A 283 13.63 -19.90 10.63
C GLY A 283 14.07 -19.30 11.94
N ILE A 284 13.49 -18.17 12.36
CA ILE A 284 13.82 -17.61 13.65
C ILE A 284 12.96 -18.29 14.71
N LYS A 285 13.52 -18.46 15.91
CA LYS A 285 12.79 -19.17 16.96
C LYS A 285 11.66 -18.35 17.55
N TYR A 286 11.89 -17.07 17.84
CA TYR A 286 10.81 -16.24 18.35
C TYR A 286 10.32 -15.32 17.25
N HIS A 287 9.00 -15.21 17.12
CA HIS A 287 8.46 -14.40 16.04
C HIS A 287 8.78 -12.92 16.29
N GLU A 288 8.77 -12.14 15.24
CA GLU A 288 9.02 -10.71 15.31
C GLU A 288 7.76 -10.00 14.79
N GLU A 289 7.32 -8.96 15.50
CA GLU A 289 6.17 -8.13 15.06
C GLU A 289 6.50 -6.67 15.31
N SER A 290 7.63 -6.26 14.77
CA SER A 290 8.14 -4.92 15.04
C SER A 290 7.38 -3.86 14.25
N ILE A 291 6.83 -4.21 13.09
CA ILE A 291 5.94 -3.27 12.38
C ILE A 291 4.77 -2.89 13.27
N HIS A 292 4.11 -3.91 13.83
CA HIS A 292 2.98 -3.73 14.72
C HIS A 292 3.34 -2.83 15.89
N ALA A 293 4.45 -3.13 16.57
CA ALA A 293 4.90 -2.33 17.69
C ALA A 293 5.11 -0.87 17.29
N ALA A 294 5.78 -0.66 16.15
CA ALA A 294 6.06 0.69 15.66
C ALA A 294 4.77 1.42 15.39
N TYR A 295 3.79 0.75 14.77
CA TYR A 295 2.55 1.43 14.46
C TYR A 295 1.91 1.94 15.73
N VAL A 296 1.78 1.06 16.73
CA VAL A 296 1.13 1.43 17.99
C VAL A 296 1.91 2.55 18.66
N HIS A 297 3.22 2.47 18.63
CA HIS A 297 3.99 3.53 19.25
C HIS A 297 3.74 4.89 18.57
N VAL A 298 3.77 4.92 17.24
CA VAL A 298 3.65 6.21 16.52
C VAL A 298 2.31 6.84 16.80
N ILE A 299 1.24 6.05 16.75
CA ILE A 299 -0.09 6.55 17.07
C ILE A 299 -0.12 7.10 18.49
N GLU A 300 0.42 6.32 19.45
CA GLU A 300 0.32 6.68 20.84
C GLU A 300 1.05 7.97 21.12
N ASN A 301 2.18 8.18 20.48
CA ASN A 301 3.01 9.37 20.68
C ASN A 301 2.70 10.54 19.72
N SER A 302 1.79 10.37 18.77
CA SER A 302 1.44 11.50 17.90
C SER A 302 0.86 12.64 18.74
N ARG A 303 1.04 13.88 18.22
CA ARG A 303 0.64 15.08 18.92
C ARG A 303 -0.43 15.87 18.21
N HIS A 304 -0.62 15.67 16.92
CA HIS A 304 -1.47 16.55 16.12
C HIS A 304 -2.40 15.80 15.16
N TYR A 305 -1.88 14.86 14.37
CA TYR A 305 -2.71 14.14 13.40
C TYR A 305 -1.99 12.84 13.05
N ILE A 306 -2.78 11.84 12.61
CA ILE A 306 -2.25 10.69 11.85
C ILE A 306 -3.05 10.62 10.56
N TYR A 307 -2.35 10.22 9.47
CA TYR A 307 -2.86 10.01 8.13
C TYR A 307 -2.52 8.58 7.76
N ILE A 308 -3.55 7.79 7.41
CA ILE A 308 -3.46 6.37 7.03
C ILE A 308 -4.00 6.20 5.61
N GLU A 309 -3.21 5.55 4.73
CA GLU A 309 -3.73 4.96 3.50
C GLU A 309 -3.40 3.48 3.60
N ASN A 310 -4.40 2.61 3.52
CA ASN A 310 -4.14 1.18 3.66
C ASN A 310 -5.17 0.34 2.91
N GLN A 311 -4.74 -0.82 2.42
CA GLN A 311 -5.61 -1.69 1.65
C GLN A 311 -6.65 -2.36 2.53
N PHE A 312 -6.32 -2.55 3.80
CA PHE A 312 -7.25 -3.12 4.75
C PHE A 312 -7.33 -2.27 6.01
N PHE A 313 -8.37 -2.52 6.79
CA PHE A 313 -8.66 -1.75 8.00
C PHE A 313 -9.38 -2.73 8.94
N ILE A 314 -8.67 -3.80 9.32
CA ILE A 314 -9.22 -4.87 10.15
C ILE A 314 -8.53 -4.80 11.51
N SER A 315 -9.24 -4.32 12.53
CA SER A 315 -8.62 -4.22 13.85
C SER A 315 -9.72 -4.08 14.91
N CYS A 316 -9.39 -3.49 16.07
CA CYS A 316 -10.21 -3.49 17.28
C CYS A 316 -10.22 -4.88 17.93
N ALA A 317 -9.28 -5.13 18.84
CA ALA A 317 -9.06 -6.47 19.38
C ALA A 317 -10.12 -6.88 20.40
N ASP A 318 -10.68 -8.07 20.20
CA ASP A 318 -11.45 -8.74 21.24
C ASP A 318 -10.65 -9.92 21.79
N ASP A 319 -9.38 -10.08 21.38
CA ASP A 319 -8.49 -11.16 21.86
C ASP A 319 -9.17 -12.52 21.76
N LYS A 320 -9.96 -12.70 20.70
CA LYS A 320 -10.64 -13.95 20.39
C LYS A 320 -10.54 -14.14 18.89
N VAL A 321 -10.97 -13.14 18.09
CA VAL A 321 -11.01 -13.25 16.63
C VAL A 321 -10.08 -12.23 15.96
N VAL A 322 -9.88 -11.09 16.58
CA VAL A 322 -8.95 -10.08 16.10
C VAL A 322 -8.07 -9.70 17.25
N PHE A 323 -6.79 -9.47 16.97
CA PHE A 323 -5.80 -9.32 18.02
C PHE A 323 -4.95 -8.06 17.95
N ASN A 324 -4.75 -7.48 16.78
CA ASN A 324 -3.79 -6.40 16.67
C ASN A 324 -4.38 -5.14 17.33
N LYS A 325 -3.47 -4.29 17.81
CA LYS A 325 -3.80 -3.24 18.74
C LYS A 325 -3.99 -1.88 18.04
N ILE A 326 -4.03 -1.84 16.72
CA ILE A 326 -3.95 -0.53 16.03
C ILE A 326 -5.25 0.22 16.18
N GLY A 327 -6.37 -0.44 15.90
CA GLY A 327 -7.66 0.28 15.96
C GLY A 327 -7.97 0.82 17.35
N ASP A 328 -7.65 0.05 18.38
CA ASP A 328 -7.79 0.52 19.74
C ASP A 328 -6.83 1.64 20.08
N ALA A 329 -5.60 1.62 19.54
CA ALA A 329 -4.72 2.74 19.76
C ALA A 329 -5.31 4.03 19.16
N ILE A 330 -5.92 3.93 17.98
CA ILE A 330 -6.51 5.12 17.34
C ILE A 330 -7.59 5.70 18.24
N ALA A 331 -8.58 4.87 18.58
CA ALA A 331 -9.68 5.31 19.45
C ALA A 331 -9.17 5.92 20.76
N GLN A 332 -8.19 5.30 21.38
CA GLN A 332 -7.68 5.80 22.65
C GLN A 332 -6.88 7.09 22.49
N ARG A 333 -6.15 7.29 21.37
CA ARG A 333 -5.47 8.56 21.16
C ARG A 333 -6.48 9.72 20.98
N ILE A 334 -7.57 9.46 20.29
CA ILE A 334 -8.59 10.49 20.07
C ILE A 334 -9.20 10.92 21.40
N LEU A 335 -9.50 9.92 22.24
CA LEU A 335 -10.09 10.21 23.54
C LEU A 335 -9.13 10.96 24.45
N LYS A 336 -7.83 10.70 24.33
CA LYS A 336 -6.89 11.55 25.03
C LYS A 336 -6.97 12.99 24.55
N ALA A 337 -7.00 13.22 23.21
CA ALA A 337 -7.08 14.59 22.70
C ALA A 337 -8.34 15.27 23.25
N HIS A 338 -9.44 14.54 23.26
CA HIS A 338 -10.67 15.13 23.78
C HIS A 338 -10.50 15.47 25.27
N ARG A 339 -9.99 14.51 26.06
CA ARG A 339 -9.83 14.77 27.48
C ARG A 339 -8.97 16.01 27.74
N GLU A 340 -7.89 16.21 26.99
CA GLU A 340 -7.04 17.39 27.18
C GLU A 340 -7.52 18.60 26.41
N ASN A 341 -8.70 18.53 25.79
CA ASN A 341 -9.26 19.65 25.05
C ASN A 341 -8.32 20.12 23.95
N GLN A 342 -7.74 19.19 23.20
N GLN A 342 -7.77 19.16 23.20
CA GLN A 342 -6.80 19.55 22.15
CA GLN A 342 -6.80 19.37 22.15
C GLN A 342 -7.28 19.07 20.79
C GLN A 342 -7.39 19.12 20.77
N LYS A 343 -6.85 19.81 19.77
CA LYS A 343 -7.21 19.58 18.38
C LYS A 343 -6.36 18.42 17.88
N TYR A 344 -7.02 17.40 17.33
CA TYR A 344 -6.34 16.19 16.85
C TYR A 344 -7.17 15.60 15.72
N ARG A 345 -6.55 15.16 14.61
CA ARG A 345 -7.30 14.66 13.46
C ARG A 345 -6.77 13.30 13.03
N VAL A 346 -7.67 12.42 12.59
CA VAL A 346 -7.30 11.13 12.03
C VAL A 346 -7.95 11.03 10.67
N TYR A 347 -7.14 10.84 9.63
CA TYR A 347 -7.57 10.64 8.25
C TYR A 347 -7.31 9.19 7.85
N VAL A 348 -8.36 8.51 7.35
CA VAL A 348 -8.33 7.12 6.94
C VAL A 348 -8.84 6.93 5.51
N VAL A 349 -7.97 6.41 4.61
CA VAL A 349 -8.23 6.24 3.19
C VAL A 349 -7.95 4.76 2.91
N ILE A 350 -8.99 4.02 2.51
CA ILE A 350 -8.91 2.59 2.24
C ILE A 350 -9.70 2.39 0.96
N PRO A 351 -9.64 1.20 0.36
CA PRO A 351 -10.43 0.96 -0.85
C PRO A 351 -11.91 0.88 -0.57
N LEU A 352 -12.67 1.31 -1.57
CA LEU A 352 -14.10 1.30 -1.40
C LEU A 352 -14.65 -0.12 -1.40
N LEU A 353 -13.99 -1.02 -2.14
CA LEU A 353 -14.35 -2.44 -2.11
C LEU A 353 -13.09 -3.22 -2.11
N PRO A 354 -13.05 -4.41 -1.52
CA PRO A 354 -11.87 -5.30 -1.60
C PRO A 354 -11.70 -5.85 -2.99
N GLY A 355 -10.43 -5.99 -3.45
CA GLY A 355 -10.17 -6.55 -4.75
C GLY A 355 -9.82 -8.02 -4.62
N PHE A 356 -9.96 -8.77 -5.72
CA PHE A 356 -9.59 -10.18 -5.71
C PHE A 356 -8.53 -10.39 -6.76
N GLU A 357 -7.35 -10.80 -6.33
CA GLU A 357 -6.32 -11.18 -7.29
C GLU A 357 -5.80 -12.56 -6.97
N GLY A 363 -12.72 -17.90 -4.42
CA GLY A 363 -14.00 -17.96 -3.74
C GLY A 363 -14.96 -16.84 -4.11
N GLY A 364 -14.41 -15.84 -4.79
CA GLY A 364 -15.24 -14.80 -5.33
C GLY A 364 -15.97 -14.07 -4.23
N GLY A 365 -17.30 -14.05 -4.31
CA GLY A 365 -18.08 -13.09 -3.56
C GLY A 365 -18.07 -13.28 -2.05
N ASN A 366 -18.02 -14.52 -1.55
CA ASN A 366 -17.97 -14.72 -0.11
C ASN A 366 -16.64 -14.24 0.46
N ALA A 367 -15.56 -14.30 -0.33
CA ALA A 367 -14.32 -13.71 0.15
C ALA A 367 -14.47 -12.21 0.27
N LEU A 368 -14.97 -11.55 -0.77
CA LEU A 368 -15.21 -10.11 -0.69
C LEU A 368 -16.04 -9.75 0.56
N GLN A 369 -17.12 -10.49 0.82
CA GLN A 369 -18.00 -10.09 1.92
C GLN A 369 -17.33 -10.26 3.27
N ALA A 370 -16.49 -11.29 3.42
CA ALA A 370 -15.83 -11.50 4.69
C ALA A 370 -14.89 -10.33 5.00
N ILE A 371 -14.14 -9.87 4.03
CA ILE A 371 -13.28 -8.71 4.30
C ILE A 371 -14.12 -7.46 4.59
N MET A 372 -15.24 -7.26 3.89
CA MET A 372 -16.07 -6.13 4.22
C MET A 372 -16.62 -6.21 5.65
N HIS A 373 -16.99 -7.39 6.10
CA HIS A 373 -17.38 -7.56 7.49
C HIS A 373 -16.37 -6.98 8.45
N PHE A 374 -15.08 -7.37 8.30
CA PHE A 374 -14.09 -7.00 9.29
C PHE A 374 -13.64 -5.56 9.14
N ASN A 375 -13.68 -5.02 7.93
CA ASN A 375 -13.34 -3.61 7.74
C ASN A 375 -14.38 -2.75 8.46
N TYR A 376 -15.64 -3.07 8.25
CA TYR A 376 -16.74 -2.38 8.93
C TYR A 376 -16.74 -2.61 10.44
N ARG A 377 -16.40 -3.82 10.85
CA ARG A 377 -16.29 -4.10 12.27
C ARG A 377 -15.30 -3.15 12.94
N THR A 378 -14.21 -2.78 12.25
CA THR A 378 -13.25 -1.84 12.84
C THR A 378 -13.82 -0.42 12.82
N MET A 379 -14.48 -0.07 11.73
N MET A 379 -14.50 -0.08 11.73
CA MET A 379 -14.92 1.31 11.52
CA MET A 379 -14.91 1.30 11.42
C MET A 379 -16.12 1.65 12.37
C MET A 379 -16.12 1.71 12.26
N CYS A 380 -17.22 0.97 12.13
CA CYS A 380 -18.47 1.43 12.72
C CYS A 380 -19.51 0.39 13.15
N ARG A 381 -19.26 -0.91 13.02
CA ARG A 381 -20.27 -1.91 13.38
C ARG A 381 -19.91 -2.63 14.66
N GLY A 382 -20.50 -2.18 15.76
CA GLY A 382 -20.27 -2.79 17.06
C GLY A 382 -19.84 -1.75 18.07
N GLU A 383 -20.23 -1.94 19.34
CA GLU A 383 -19.79 -1.04 20.39
C GLU A 383 -18.28 -1.02 20.51
N ASN A 384 -17.60 -2.08 20.01
CA ASN A 384 -16.17 -2.21 20.02
C ASN A 384 -15.51 -1.49 18.84
N SER A 385 -16.29 -1.15 17.80
CA SER A 385 -15.80 -0.39 16.65
C SER A 385 -15.08 0.87 17.12
N ILE A 386 -14.24 1.46 16.27
CA ILE A 386 -13.70 2.78 16.62
C ILE A 386 -14.84 3.79 16.90
N LEU A 387 -15.85 3.82 16.04
CA LEU A 387 -16.95 4.79 16.24
C LEU A 387 -17.78 4.45 17.49
N GLY A 388 -17.94 3.15 17.78
CA GLY A 388 -18.57 2.73 19.03
C GLY A 388 -17.88 3.29 20.26
N GLN A 389 -16.57 3.14 20.34
CA GLN A 389 -15.80 3.63 21.48
C GLN A 389 -15.86 5.14 21.60
N LEU A 390 -15.74 5.85 20.47
CA LEU A 390 -15.81 7.32 20.49
C LEU A 390 -17.18 7.79 20.94
N LYS A 391 -18.23 7.18 20.40
CA LYS A 391 -19.59 7.57 20.77
C LYS A 391 -19.79 7.48 22.28
N ALA A 392 -19.39 6.33 22.86
CA ALA A 392 -19.58 6.06 24.28
C ALA A 392 -18.91 7.12 25.14
N GLU A 393 -17.84 7.71 24.67
CA GLU A 393 -17.16 8.76 25.42
C GLU A 393 -17.37 10.17 24.88
N LEU A 394 -17.58 10.32 23.57
CA LEU A 394 -17.64 11.61 22.91
C LEU A 394 -19.04 11.93 22.44
N GLY A 395 -19.95 10.95 22.42
CA GLY A 395 -21.20 11.06 21.73
C GLY A 395 -21.05 11.57 20.31
N ASN A 396 -21.52 12.79 20.10
CA ASN A 396 -21.65 13.38 18.78
C ASN A 396 -20.43 14.15 18.33
N GLN A 397 -19.43 14.32 19.19
CA GLN A 397 -18.30 15.14 18.80
C GLN A 397 -17.25 14.35 18.04
N TRP A 398 -17.48 13.07 17.78
CA TRP A 398 -16.50 12.25 17.03
C TRP A 398 -16.16 12.86 15.66
N ILE A 399 -17.13 13.53 15.03
CA ILE A 399 -16.89 14.14 13.74
C ILE A 399 -15.76 15.14 13.82
N ASN A 400 -15.40 15.63 14.99
CA ASN A 400 -14.28 16.57 14.99
C ASN A 400 -12.90 15.89 14.91
N TYR A 401 -12.87 14.57 14.92
CA TYR A 401 -11.61 13.86 15.15
C TYR A 401 -11.23 12.86 14.08
N ILE A 402 -12.16 12.38 13.25
CA ILE A 402 -11.82 11.30 12.33
C ILE A 402 -12.72 11.35 11.10
N SER A 403 -12.16 10.95 9.96
CA SER A 403 -12.85 10.93 8.67
C SER A 403 -12.45 9.65 7.96
N PHE A 404 -13.43 8.88 7.46
CA PHE A 404 -13.17 7.67 6.67
C PHE A 404 -13.52 7.90 5.20
N CYS A 405 -12.60 7.57 4.27
CA CYS A 405 -12.72 7.83 2.84
C CYS A 405 -12.20 6.66 2.01
N GLY A 406 -12.66 6.64 0.74
CA GLY A 406 -11.99 5.92 -0.33
C GLY A 406 -11.64 6.81 -1.51
N LEU A 407 -11.35 6.24 -2.70
CA LEU A 407 -10.95 6.98 -3.87
C LEU A 407 -11.78 6.53 -5.07
N ARG A 408 -12.11 7.48 -5.95
CA ARG A 408 -12.85 7.12 -7.17
C ARG A 408 -12.54 8.13 -8.26
N THR A 409 -12.71 7.70 -9.50
CA THR A 409 -12.58 8.63 -10.61
C THR A 409 -13.48 8.21 -11.76
N HIS A 410 -13.45 9.02 -12.82
CA HIS A 410 -14.31 8.85 -13.97
C HIS A 410 -13.56 9.21 -15.25
N ALA A 411 -14.21 8.91 -16.37
CA ALA A 411 -13.68 9.22 -17.70
C ALA A 411 -14.73 8.92 -18.75
N GLU A 412 -14.41 9.27 -20.00
CA GLU A 412 -15.18 8.83 -21.16
C GLU A 412 -14.43 7.77 -21.95
N LEU A 413 -15.10 6.65 -22.22
CA LEU A 413 -14.53 5.48 -22.89
C LEU A 413 -15.42 5.18 -24.08
N GLU A 414 -14.90 5.41 -25.29
CA GLU A 414 -15.58 5.01 -26.48
C GLU A 414 -16.96 5.69 -26.47
N GLY A 415 -17.00 6.97 -26.07
CA GLY A 415 -18.25 7.75 -26.10
C GLY A 415 -19.24 7.61 -24.95
N ASN A 416 -18.88 6.87 -23.93
CA ASN A 416 -19.71 6.57 -22.78
C ASN A 416 -18.96 6.96 -21.50
N LEU A 417 -19.66 7.66 -20.59
CA LEU A 417 -19.10 8.02 -19.29
C LEU A 417 -18.96 6.76 -18.45
N VAL A 418 -17.80 6.61 -17.82
CA VAL A 418 -17.54 5.47 -16.95
C VAL A 418 -16.95 5.97 -15.63
N THR A 419 -17.07 5.14 -14.62
CA THR A 419 -16.44 5.36 -13.33
C THR A 419 -15.82 4.05 -12.83
N GLU A 420 -14.77 4.20 -12.05
CA GLU A 420 -14.23 3.06 -11.32
C GLU A 420 -13.58 3.56 -10.05
N LEU A 421 -13.54 2.70 -9.05
CA LEU A 421 -12.82 3.03 -7.86
C LEU A 421 -11.31 2.97 -8.13
N ILE A 422 -10.55 3.74 -7.37
CA ILE A 422 -9.09 3.70 -7.38
C ILE A 422 -8.65 2.80 -6.22
N TYR A 423 -7.90 1.72 -6.54
CA TYR A 423 -7.61 0.72 -5.51
C TYR A 423 -6.55 1.33 -4.65
N VAL A 424 -6.88 1.54 -3.39
CA VAL A 424 -5.91 1.96 -2.39
C VAL A 424 -5.08 0.74 -1.94
N HIS A 425 -3.96 0.52 -2.60
CA HIS A 425 -3.10 -0.60 -2.19
C HIS A 425 -1.99 -0.21 -1.21
N SER A 426 -1.79 1.08 -0.99
CA SER A 426 -0.89 1.62 0.02
C SER A 426 -0.88 0.88 1.34
N LYS A 427 0.26 0.98 2.03
CA LYS A 427 0.44 0.60 3.42
C LYS A 427 1.25 1.72 4.08
N LEU A 428 0.56 2.83 4.44
CA LEU A 428 1.22 4.08 4.80
C LEU A 428 0.64 4.63 6.10
N LEU A 429 1.51 5.06 7.01
CA LEU A 429 1.14 5.87 8.17
C LEU A 429 2.03 7.10 8.21
N ILE A 430 1.45 8.29 8.37
CA ILE A 430 2.20 9.52 8.61
C ILE A 430 1.69 10.13 9.91
N ALA A 431 2.60 10.67 10.75
CA ALA A 431 2.18 11.36 11.98
C ALA A 431 2.86 12.71 12.04
N ASP A 432 2.05 13.78 12.26
CA ASP A 432 2.59 15.05 12.75
C ASP A 432 3.53 15.72 11.78
N ASP A 433 3.46 15.38 10.52
CA ASP A 433 4.40 15.91 9.55
C ASP A 433 5.84 15.65 9.98
N ASN A 434 6.12 14.58 10.80
CA ASN A 434 7.51 14.29 11.09
C ASN A 434 7.88 12.82 11.14
N THR A 435 6.91 11.88 11.02
CA THR A 435 7.16 10.44 11.16
C THR A 435 6.36 9.71 10.10
N VAL A 436 6.98 8.75 9.45
CA VAL A 436 6.35 7.94 8.42
C VAL A 436 6.68 6.47 8.63
N ILE A 437 5.71 5.59 8.36
CA ILE A 437 5.95 4.14 8.21
C ILE A 437 5.43 3.75 6.81
N ILE A 438 6.29 3.17 5.96
CA ILE A 438 5.94 2.74 4.63
C ILE A 438 6.34 1.26 4.56
N GLY A 439 5.44 0.39 4.05
CA GLY A 439 5.91 -1.00 3.82
C GLY A 439 4.89 -1.90 3.16
N SER A 440 4.95 -3.21 3.44
CA SER A 440 4.00 -4.13 2.85
C SER A 440 2.87 -4.52 3.79
N ALA A 441 2.94 -4.15 5.07
CA ALA A 441 2.00 -4.66 6.05
C ALA A 441 0.69 -3.86 6.04
N ASN A 442 -0.40 -4.60 5.82
CA ASN A 442 -1.77 -4.12 5.89
C ASN A 442 -2.20 -4.02 7.33
N ILE A 443 -3.24 -3.20 7.58
CA ILE A 443 -3.84 -3.20 8.90
C ILE A 443 -4.75 -4.44 8.98
N ASN A 444 -4.16 -5.58 9.35
CA ASN A 444 -4.92 -6.79 9.59
C ASN A 444 -3.99 -7.72 10.38
N ASP A 445 -4.56 -8.73 10.95
CA ASP A 445 -3.73 -9.63 11.77
C ASP A 445 -2.73 -10.41 10.93
N ARG A 446 -3.14 -10.79 9.71
CA ARG A 446 -2.26 -11.49 8.77
C ARG A 446 -0.90 -10.80 8.65
N SER A 447 -0.90 -9.48 8.50
CA SER A 447 0.32 -8.73 8.34
C SER A 447 1.00 -8.38 9.65
N MET A 448 0.20 -8.09 10.69
CA MET A 448 0.76 -7.41 11.84
C MET A 448 1.22 -8.38 12.93
N LEU A 449 0.62 -9.56 13.02
CA LEU A 449 0.98 -10.44 14.14
C LEU A 449 2.37 -11.09 14.04
N GLY A 450 2.93 -11.15 12.85
CA GLY A 450 4.30 -11.59 12.70
C GLY A 450 4.43 -13.05 12.43
N LYS A 451 3.62 -13.87 13.12
CA LYS A 451 3.53 -15.32 12.95
C LYS A 451 2.87 -15.75 11.65
N ARG A 452 2.18 -14.82 10.95
CA ARG A 452 1.46 -15.16 9.73
C ARG A 452 2.28 -14.73 8.54
N ASP A 453 1.82 -13.72 7.78
CA ASP A 453 2.52 -13.43 6.55
C ASP A 453 3.79 -12.71 6.93
N SER A 454 4.82 -12.84 6.06
CA SER A 454 6.11 -12.20 6.28
C SER A 454 5.94 -10.82 5.62
N GLU A 455 6.52 -9.80 6.23
CA GLU A 455 6.30 -8.41 5.77
C GLU A 455 7.54 -7.59 6.10
N MET A 456 7.68 -6.46 5.42
N MET A 456 7.70 -6.46 5.40
CA MET A 456 8.78 -5.53 5.68
CA MET A 456 8.79 -5.54 5.67
C MET A 456 8.23 -4.10 5.64
C MET A 456 8.27 -4.10 5.60
N ALA A 457 8.72 -3.27 6.55
CA ALA A 457 8.37 -1.85 6.59
C ALA A 457 9.59 -1.03 7.03
N VAL A 458 9.56 0.28 6.76
N VAL A 458 9.56 0.26 6.73
CA VAL A 458 10.59 1.14 7.31
CA VAL A 458 10.53 1.19 7.28
C VAL A 458 9.93 2.31 8.01
C VAL A 458 9.78 2.18 8.14
N ILE A 459 10.40 2.63 9.23
CA ILE A 459 10.05 3.90 9.91
C ILE A 459 11.11 4.98 9.67
N VAL A 460 10.67 6.17 9.29
CA VAL A 460 11.53 7.31 9.00
C VAL A 460 11.12 8.42 9.94
N GLN A 461 12.06 8.96 10.73
CA GLN A 461 11.75 10.06 11.63
C GLN A 461 12.61 11.25 11.21
N ASP A 462 12.01 12.39 10.93
CA ASP A 462 12.81 13.50 10.41
C ASP A 462 13.79 14.06 11.43
N THR A 463 14.97 14.44 10.95
CA THR A 463 15.97 15.19 11.70
C THR A 463 16.15 16.59 11.13
N GLU A 464 15.73 16.83 9.88
CA GLU A 464 15.82 18.14 9.25
C GLU A 464 14.42 18.71 9.14
N THR A 465 14.24 19.96 9.48
CA THR A 465 12.89 20.50 9.49
C THR A 465 12.80 21.75 8.63
N VAL A 466 11.60 22.07 8.19
CA VAL A 466 11.30 23.28 7.42
C VAL A 466 10.30 24.11 8.22
N PRO A 467 10.26 25.44 8.03
CA PRO A 467 9.26 26.26 8.71
C PRO A 467 7.90 25.94 8.12
N SER A 468 6.94 25.70 8.98
CA SER A 468 5.66 25.20 8.55
C SER A 468 4.59 25.77 9.48
N VAL A 469 3.41 25.16 9.42
CA VAL A 469 2.25 25.63 10.18
C VAL A 469 1.44 24.42 10.65
N MET A 470 0.83 24.57 11.81
CA MET A 470 0.04 23.48 12.39
C MET A 470 -0.99 24.16 13.27
N ASP A 471 -2.25 24.14 12.84
CA ASP A 471 -3.35 24.86 13.51
C ASP A 471 -3.05 26.38 13.63
N GLY A 472 -2.59 26.98 12.52
CA GLY A 472 -2.27 28.40 12.48
C GLY A 472 -1.04 28.83 13.23
N LYS A 473 -0.38 27.92 13.91
CA LYS A 473 0.78 28.21 14.74
C LYS A 473 2.08 27.89 14.01
N GLU A 474 3.11 28.68 14.23
CA GLU A 474 4.43 28.28 13.75
C GLU A 474 4.75 26.85 14.19
N TYR A 475 5.38 26.09 13.29
CA TYR A 475 5.65 24.68 13.56
C TYR A 475 6.80 24.23 12.68
N GLN A 476 7.71 23.44 13.23
CA GLN A 476 8.85 22.94 12.47
C GLN A 476 8.51 21.52 12.02
N ALA A 477 8.18 21.38 10.73
CA ALA A 477 7.77 20.10 10.19
C ALA A 477 9.01 19.36 9.69
N GLY A 478 8.90 18.04 9.55
CA GLY A 478 10.01 17.23 8.98
C GLY A 478 10.02 17.30 7.46
N ARG A 479 11.23 17.39 6.88
CA ARG A 479 11.35 17.50 5.41
C ARG A 479 10.68 16.35 4.71
N PHE A 480 10.99 15.15 5.16
CA PHE A 480 10.56 13.90 4.54
C PHE A 480 9.05 13.71 4.73
N ALA A 481 8.56 13.79 5.98
CA ALA A 481 7.15 13.47 6.20
C ALA A 481 6.24 14.57 5.64
N ARG A 482 6.62 15.83 5.80
CA ARG A 482 5.76 16.89 5.26
C ARG A 482 5.66 16.79 3.74
N GLY A 483 6.80 16.57 3.08
CA GLY A 483 6.78 16.45 1.63
C GLY A 483 5.85 15.35 1.20
N LEU A 484 5.93 14.19 1.86
CA LEU A 484 5.09 13.07 1.46
C LEU A 484 3.61 13.34 1.75
N ARG A 485 3.29 13.95 2.93
CA ARG A 485 1.89 14.19 3.27
C ARG A 485 1.29 15.17 2.28
N LEU A 486 2.09 16.17 1.84
CA LEU A 486 1.59 17.19 0.92
C LEU A 486 1.31 16.60 -0.43
N GLN A 487 2.20 15.69 -0.90
CA GLN A 487 1.98 15.00 -2.16
C GLN A 487 0.77 14.11 -2.08
N CYS A 488 0.60 13.38 -0.98
CA CYS A 488 -0.65 12.63 -0.77
C CYS A 488 -1.85 13.51 -0.93
N PHE A 489 -1.91 14.58 -0.10
CA PHE A 489 -2.99 15.58 -0.17
C PHE A 489 -3.25 16.09 -1.58
N ARG A 490 -2.20 16.50 -2.31
N ARG A 490 -2.22 16.53 -2.30
CA ARG A 490 -2.36 17.00 -3.67
CA ARG A 490 -2.40 17.00 -3.67
C ARG A 490 -3.04 15.98 -4.57
C ARG A 490 -3.11 15.95 -4.52
N VAL A 491 -2.65 14.71 -4.46
CA VAL A 491 -3.23 13.67 -5.30
C VAL A 491 -4.68 13.50 -4.95
N VAL A 492 -4.96 13.27 -3.70
CA VAL A 492 -6.33 12.85 -3.40
C VAL A 492 -7.31 14.02 -3.37
N LEU A 493 -6.85 15.25 -3.08
CA LEU A 493 -7.70 16.44 -2.98
C LEU A 493 -7.76 17.24 -4.25
N GLY A 494 -6.86 16.97 -5.23
CA GLY A 494 -6.89 17.65 -6.50
C GLY A 494 -6.12 18.96 -6.61
N TYR A 495 -4.92 18.97 -6.02
CA TYR A 495 -4.10 20.19 -6.04
C TYR A 495 -2.75 19.97 -6.71
N LEU A 496 -2.62 18.99 -7.61
CA LEU A 496 -1.39 18.80 -8.37
C LEU A 496 -1.22 19.99 -9.28
N ASP A 497 -0.04 20.57 -9.31
CA ASP A 497 0.18 21.74 -10.14
C ASP A 497 -0.74 22.95 -9.79
N ASP A 498 -1.31 23.04 -8.58
CA ASP A 498 -2.10 24.20 -8.22
C ASP A 498 -1.52 24.92 -7.01
N PRO A 499 -1.83 26.21 -6.83
CA PRO A 499 -1.48 26.90 -5.56
C PRO A 499 -1.91 26.04 -4.40
N SER A 500 -1.01 25.84 -3.43
CA SER A 500 -1.24 24.88 -2.37
C SER A 500 -1.51 25.52 -1.02
N GLU A 501 -1.84 26.81 -0.96
CA GLU A 501 -2.09 27.41 0.34
C GLU A 501 -3.15 26.65 1.13
N ASP A 502 -4.27 26.27 0.46
CA ASP A 502 -5.43 25.65 1.14
C ASP A 502 -5.03 24.32 1.86
N ILE A 503 -3.90 23.69 1.50
CA ILE A 503 -3.60 22.35 2.02
C ILE A 503 -2.35 22.31 2.86
N GLN A 504 -1.83 23.48 3.26
CA GLN A 504 -0.56 23.51 3.97
C GLN A 504 -0.70 23.12 5.44
N ASP A 505 -1.82 23.47 6.05
CA ASP A 505 -2.06 23.20 7.47
C ASP A 505 -2.95 21.99 7.60
N PRO A 506 -2.50 20.86 8.19
CA PRO A 506 -3.28 19.63 8.08
C PRO A 506 -4.30 19.41 9.18
N VAL A 507 -4.40 20.33 10.12
CA VAL A 507 -5.32 20.16 11.25
C VAL A 507 -6.25 21.29 11.52
N SER A 508 -6.20 22.39 10.75
N SER A 508 -6.16 22.43 10.81
CA SER A 508 -7.10 23.52 10.92
CA SER A 508 -7.04 23.54 11.16
C SER A 508 -8.56 23.08 10.91
C SER A 508 -8.50 23.20 10.87
N ASP A 509 -9.41 23.83 11.61
CA ASP A 509 -10.83 23.74 11.32
C ASP A 509 -11.06 24.07 9.85
N LYS A 510 -10.36 25.06 9.33
CA LYS A 510 -10.64 25.45 7.96
C LYS A 510 -10.28 24.32 6.99
N PHE A 511 -9.11 23.74 7.17
CA PHE A 511 -8.73 22.64 6.29
C PHE A 511 -9.67 21.43 6.47
N PHE A 512 -9.80 20.97 7.72
CA PHE A 512 -10.52 19.74 7.99
C PHE A 512 -11.94 19.83 7.45
N LYS A 513 -12.66 20.92 7.80
CA LYS A 513 -14.03 21.07 7.36
C LYS A 513 -14.17 21.55 5.90
N GLU A 514 -13.48 22.59 5.52
CA GLU A 514 -13.71 23.18 4.21
C GLU A 514 -12.98 22.54 3.06
N VAL A 515 -11.90 21.81 3.34
CA VAL A 515 -11.19 21.07 2.30
C VAL A 515 -11.41 19.55 2.41
N TRP A 516 -10.98 18.93 3.51
CA TRP A 516 -11.01 17.46 3.54
C TRP A 516 -12.45 16.92 3.55
N VAL A 517 -13.21 17.23 4.62
CA VAL A 517 -14.53 16.66 4.75
C VAL A 517 -15.45 17.13 3.60
N SER A 518 -15.34 18.44 3.21
CA SER A 518 -16.15 18.96 2.09
C SER A 518 -15.81 18.23 0.77
N THR A 519 -14.52 18.00 0.47
CA THR A 519 -14.20 17.33 -0.79
C THR A 519 -14.79 15.91 -0.81
N ALA A 520 -14.61 15.18 0.28
CA ALA A 520 -15.11 13.82 0.36
C ALA A 520 -16.61 13.79 0.21
N ALA A 521 -17.33 14.74 0.85
CA ALA A 521 -18.76 14.74 0.66
C ALA A 521 -19.13 15.20 -0.74
N ARG A 522 -18.50 16.23 -1.26
CA ARG A 522 -18.93 16.76 -2.54
C ARG A 522 -18.76 15.69 -3.61
N ASN A 523 -17.59 15.04 -3.64
CA ASN A 523 -17.32 14.10 -4.72
C ASN A 523 -18.23 12.89 -4.60
N ALA A 524 -18.47 12.43 -3.37
CA ALA A 524 -19.38 11.29 -3.13
C ALA A 524 -20.77 11.58 -3.61
N THR A 525 -21.28 12.78 -3.33
CA THR A 525 -22.62 13.13 -3.78
C THR A 525 -22.70 13.14 -5.30
N ILE A 526 -21.73 13.74 -5.94
CA ILE A 526 -21.76 13.86 -7.40
C ILE A 526 -21.75 12.49 -8.06
N TYR A 527 -20.78 11.62 -7.63
CA TYR A 527 -20.67 10.28 -8.17
C TYR A 527 -21.95 9.51 -7.95
N ASP A 528 -22.57 9.64 -6.76
CA ASP A 528 -23.82 8.93 -6.48
C ASP A 528 -24.91 9.36 -7.44
N LYS A 529 -25.03 10.66 -7.64
CA LYS A 529 -26.08 11.18 -8.52
C LYS A 529 -25.88 10.78 -9.98
N VAL A 530 -24.63 10.82 -10.46
CA VAL A 530 -24.39 10.68 -11.87
C VAL A 530 -24.36 9.20 -12.26
N PHE A 531 -23.73 8.39 -11.39
CA PHE A 531 -23.46 6.98 -11.69
C PHE A 531 -24.24 5.97 -10.85
N ARG A 532 -24.81 6.36 -9.70
CA ARG A 532 -25.48 5.37 -8.87
C ARG A 532 -24.55 4.17 -8.68
N CYS A 533 -23.28 4.47 -8.31
CA CYS A 533 -22.28 3.41 -8.20
C CYS A 533 -22.33 2.77 -6.82
N LEU A 534 -21.82 1.54 -6.77
CA LEU A 534 -21.66 0.86 -5.51
C LEU A 534 -20.22 0.98 -5.07
N PRO A 535 -19.93 1.09 -3.78
CA PRO A 535 -20.85 0.95 -2.63
C PRO A 535 -21.57 2.26 -2.34
N ASN A 536 -22.62 2.24 -1.53
CA ASN A 536 -23.27 3.48 -1.14
C ASN A 536 -24.08 3.23 0.14
N ASP A 537 -24.69 4.29 0.71
CA ASP A 537 -25.34 4.21 2.02
C ASP A 537 -26.79 3.78 1.91
N GLU A 538 -27.32 3.61 0.68
CA GLU A 538 -28.73 3.25 0.48
C GLU A 538 -29.02 1.75 0.39
N VAL A 539 -28.05 0.96 -0.02
CA VAL A 539 -28.21 -0.46 -0.32
C VAL A 539 -27.82 -1.24 0.94
N HIS A 540 -28.81 -1.80 1.63
CA HIS A 540 -28.57 -2.47 2.89
C HIS A 540 -28.56 -3.98 2.74
N ASN A 541 -29.05 -4.51 1.63
N ASN A 541 -29.08 -4.49 1.62
CA ASN A 541 -29.11 -5.96 1.46
CA ASN A 541 -29.28 -5.92 1.41
C ASN A 541 -28.93 -6.29 0.00
C ASN A 541 -28.90 -6.26 -0.03
N LEU A 542 -28.64 -7.56 -0.27
CA LEU A 542 -28.31 -7.98 -1.62
C LEU A 542 -29.46 -7.89 -2.59
N ILE A 543 -30.71 -7.91 -2.10
CA ILE A 543 -31.88 -7.89 -2.99
C ILE A 543 -32.19 -6.46 -3.43
N GLN A 544 -31.96 -5.49 -2.53
CA GLN A 544 -32.03 -4.08 -2.92
C GLN A 544 -30.94 -3.74 -3.94
N LEU A 545 -29.78 -4.39 -3.83
CA LEU A 545 -28.70 -4.16 -4.78
C LEU A 545 -29.17 -4.46 -6.21
N ARG A 546 -29.75 -5.64 -6.44
CA ARG A 546 -30.16 -6.02 -7.79
C ARG A 546 -31.18 -5.04 -8.36
N ASP A 547 -32.15 -4.60 -7.55
CA ASP A 547 -33.14 -3.67 -8.03
C ASP A 547 -32.50 -2.31 -8.30
N PHE A 548 -31.69 -1.84 -7.35
CA PHE A 548 -30.92 -0.61 -7.48
C PHE A 548 -30.19 -0.55 -8.83
N ILE A 549 -29.39 -1.57 -9.16
CA ILE A 549 -28.60 -1.45 -10.36
C ILE A 549 -29.45 -1.58 -11.62
N ASN A 550 -30.71 -2.02 -11.54
CA ASN A 550 -31.54 -1.99 -12.76
C ASN A 550 -32.23 -0.66 -13.02
N LYS A 551 -32.10 0.25 -12.15
CA LYS A 551 -32.73 1.54 -12.34
C LYS A 551 -31.91 2.40 -13.30
N PRO A 552 -32.57 3.33 -14.01
CA PRO A 552 -31.82 4.19 -14.96
C PRO A 552 -30.74 4.99 -14.24
N VAL A 553 -29.71 5.33 -15.01
CA VAL A 553 -28.49 6.01 -14.54
C VAL A 553 -28.30 7.30 -15.37
N LEU A 554 -28.17 8.45 -14.70
CA LEU A 554 -28.07 9.73 -15.42
C LEU A 554 -26.92 9.74 -16.42
N ALA A 555 -25.74 9.18 -16.03
CA ALA A 555 -24.58 9.12 -16.92
C ALA A 555 -24.99 8.55 -18.27
N LYS A 556 -26.01 7.71 -18.32
CA LYS A 556 -26.47 7.18 -19.60
C LYS A 556 -27.66 7.93 -20.14
N GLU A 557 -28.59 8.31 -19.29
CA GLU A 557 -29.82 8.87 -19.82
C GLU A 557 -29.62 10.29 -20.35
N ASP A 558 -28.80 11.11 -19.67
CA ASP A 558 -28.58 12.51 -20.07
C ASP A 558 -27.08 12.83 -19.91
N PRO A 559 -26.26 12.38 -20.86
CA PRO A 559 -24.80 12.55 -20.68
C PRO A 559 -24.39 14.01 -20.70
N ILE A 560 -25.11 14.86 -21.43
CA ILE A 560 -24.76 16.28 -21.40
C ILE A 560 -24.85 16.82 -19.99
N ARG A 561 -25.96 16.55 -19.30
CA ARG A 561 -26.11 16.98 -17.92
C ARG A 561 -25.13 16.29 -17.00
N ALA A 562 -24.93 14.98 -17.20
CA ALA A 562 -23.98 14.29 -16.34
C ALA A 562 -22.61 14.93 -16.49
N GLU A 563 -22.21 15.22 -17.72
CA GLU A 563 -20.84 15.74 -17.87
C GLU A 563 -20.69 17.10 -17.23
N GLU A 564 -21.76 17.91 -17.24
CA GLU A 564 -21.77 19.20 -16.55
C GLU A 564 -21.64 19.02 -15.06
N GLU A 565 -22.30 18.01 -14.47
CA GLU A 565 -22.16 17.81 -13.04
C GLU A 565 -20.75 17.34 -12.67
N LEU A 566 -20.15 16.50 -13.51
CA LEU A 566 -18.83 15.96 -13.19
C LEU A 566 -17.73 17.00 -13.23
N LYS A 567 -17.96 18.13 -13.87
CA LYS A 567 -17.01 19.23 -13.89
C LYS A 567 -16.80 19.83 -12.50
N LYS A 568 -17.65 19.54 -11.56
CA LYS A 568 -17.47 20.02 -10.21
C LYS A 568 -16.69 19.06 -9.33
N ILE A 569 -16.34 17.88 -9.82
CA ILE A 569 -15.44 17.00 -9.09
C ILE A 569 -14.08 17.68 -8.95
N ARG A 570 -13.49 17.62 -7.76
CA ARG A 570 -12.06 17.97 -7.60
C ARG A 570 -11.39 16.93 -6.75
N GLY A 571 -10.29 16.35 -7.29
CA GLY A 571 -9.60 15.26 -6.59
C GLY A 571 -10.30 13.92 -6.73
N PHE A 572 -9.79 12.92 -5.99
CA PHE A 572 -10.32 11.55 -6.00
C PHE A 572 -11.00 11.17 -4.73
N LEU A 573 -10.87 11.95 -3.67
CA LEU A 573 -11.36 11.51 -2.38
C LEU A 573 -12.89 11.44 -2.36
N VAL A 574 -13.39 10.33 -1.78
CA VAL A 574 -14.84 10.22 -1.55
C VAL A 574 -15.15 9.69 -0.15
N GLN A 575 -16.25 10.20 0.43
CA GLN A 575 -16.61 9.77 1.76
C GLN A 575 -17.01 8.31 1.79
N PHE A 576 -16.54 7.59 2.83
CA PHE A 576 -16.78 6.15 2.91
C PHE A 576 -18.20 5.88 3.42
N PRO A 577 -18.97 5.07 2.74
CA PRO A 577 -20.36 4.80 3.14
C PRO A 577 -20.41 3.76 4.25
N PHE A 578 -20.95 4.18 5.41
CA PHE A 578 -20.97 3.29 6.56
C PHE A 578 -22.00 2.18 6.45
N TYR A 579 -23.02 2.33 5.61
CA TYR A 579 -24.21 1.49 5.70
C TYR A 579 -24.38 0.51 4.53
N PHE A 580 -23.40 0.41 3.65
CA PHE A 580 -23.55 -0.52 2.53
C PHE A 580 -23.63 -1.94 3.06
N LEU A 581 -24.67 -2.68 2.62
CA LEU A 581 -25.00 -4.04 3.09
C LEU A 581 -25.00 -4.09 4.62
N SER A 582 -25.63 -3.07 5.21
CA SER A 582 -25.81 -2.91 6.66
C SER A 582 -26.45 -4.13 7.29
N GLU A 583 -27.55 -4.59 6.69
CA GLU A 583 -28.34 -5.64 7.29
C GLU A 583 -27.80 -7.01 7.02
N GLU A 584 -26.86 -7.17 6.08
CA GLU A 584 -26.40 -8.50 5.72
C GLU A 584 -25.42 -8.98 6.77
N SER A 585 -25.55 -10.24 7.16
CA SER A 585 -24.44 -10.83 7.90
C SER A 585 -23.42 -11.28 6.84
N LEU A 586 -22.42 -10.46 6.60
CA LEU A 586 -21.43 -10.62 5.53
C LEU A 586 -20.53 -11.82 5.69
N LEU A 587 -20.80 -12.67 6.66
CA LEU A 587 -20.01 -13.90 6.75
C LEU A 587 -20.83 -15.07 6.22
N PRO A 588 -20.17 -16.19 5.85
CA PRO A 588 -20.83 -17.33 5.18
C PRO A 588 -22.07 -17.88 5.90
N VAL A 597 -13.95 -22.65 5.81
CA VAL A 597 -12.73 -21.81 5.80
C VAL A 597 -12.58 -21.05 7.13
N PRO A 598 -11.43 -21.19 7.79
CA PRO A 598 -11.28 -20.57 9.12
C PRO A 598 -11.26 -19.05 9.03
N MET A 599 -11.72 -18.41 10.10
CA MET A 599 -11.89 -16.95 10.13
C MET A 599 -10.57 -16.23 9.95
N GLU A 600 -9.49 -16.76 10.53
CA GLU A 600 -8.16 -16.13 10.49
C GLU A 600 -7.60 -15.99 9.09
N VAL A 601 -8.22 -16.63 8.09
CA VAL A 601 -7.74 -16.43 6.72
C VAL A 601 -8.12 -15.03 6.25
N TRP A 602 -9.22 -14.49 6.79
CA TRP A 602 -9.75 -13.20 6.35
C TRP A 602 -9.29 -12.03 7.21
N THR A 603 -8.72 -12.30 8.39
CA THR A 603 -8.44 -11.27 9.38
C THR A 603 -7.02 -10.70 9.44
#